data_3PA6
#
_entry.id   3PA6
#
_cell.length_a   35.069
_cell.length_b   39.274
_cell.length_c   106.639
_cell.angle_alpha   90.00
_cell.angle_beta   91.52
_cell.angle_gamma   90.00
#
_symmetry.space_group_name_H-M   'P 1 21 1'
#
loop_
_entity.id
_entity.type
_entity.pdbx_description
1 polymer Microcephalin
2 non-polymer 'CHLORIDE ION'
3 water water
#
_entity_poly.entity_id   1
_entity_poly.type   'polypeptide(L)'
_entity_poly.pdbx_seq_one_letter_code
;GH(MSE)AAPILKDVVAYVEVWSSNGTENYSKTFTTQLVD(MSE)GAKVSKTFNKQVTHVIFKDGYQSTWDKAQKRGVKL
VSVLWVEKCRTAGAHIDESLFPAAN(MSE)NEHLSSLIK
;
_entity_poly.pdbx_strand_id   A,B,C
#
loop_
_chem_comp.id
_chem_comp.type
_chem_comp.name
_chem_comp.formula
CL non-polymer 'CHLORIDE ION' 'Cl -1'
#
# COMPACT_ATOMS: atom_id res chain seq x y z
N ALA A 4 5.83 -9.41 -4.12
CA ALA A 4 5.12 -9.37 -2.83
C ALA A 4 6.04 -9.75 -1.66
N ALA A 5 6.37 -8.75 -0.85
CA ALA A 5 7.37 -8.90 0.22
C ALA A 5 7.22 -7.86 1.33
N PRO A 6 7.66 -8.22 2.54
CA PRO A 6 7.54 -7.32 3.68
C PRO A 6 8.63 -6.25 3.72
N ILE A 7 8.75 -5.54 2.61
CA ILE A 7 9.84 -4.56 2.43
C ILE A 7 9.79 -3.40 3.40
N LEU A 8 8.63 -3.12 3.97
CA LEU A 8 8.49 -2.00 4.92
C LEU A 8 8.27 -2.49 6.35
N LYS A 9 8.73 -3.70 6.64
CA LYS A 9 8.59 -4.33 7.96
C LYS A 9 9.12 -3.49 9.11
N ASP A 10 10.09 -2.64 8.83
CA ASP A 10 10.68 -1.78 9.87
C ASP A 10 9.95 -0.44 10.02
N VAL A 11 8.94 -0.17 9.21
CA VAL A 11 8.23 1.09 9.28
C VAL A 11 7.10 1.03 10.31
N VAL A 12 7.02 2.03 11.18
CA VAL A 12 5.85 2.28 12.03
C VAL A 12 5.28 3.63 11.59
N ALA A 13 4.20 3.55 10.80
CA ALA A 13 3.66 4.71 10.10
C ALA A 13 2.48 5.28 10.85
N TYR A 14 2.31 6.58 10.76
CA TYR A 14 1.14 7.32 11.14
C TYR A 14 0.72 8.05 9.83
N VAL A 15 -0.55 7.93 9.47
CA VAL A 15 -1.06 8.39 8.18
C VAL A 15 -2.14 9.45 8.32
N GLU A 16 -1.93 10.58 7.66
CA GLU A 16 -2.93 11.65 7.58
C GLU A 16 -2.94 12.15 6.15
N VAL A 17 -3.83 11.57 5.35
CA VAL A 17 -3.91 11.91 3.94
C VAL A 17 -5.36 12.32 3.65
N TRP A 18 -5.54 13.61 3.34
CA TRP A 18 -6.82 14.23 3.17
C TRP A 18 -6.91 14.92 1.80
N SER A 19 -8.12 15.14 1.33
CA SER A 19 -8.37 16.08 0.23
C SER A 19 -7.96 17.50 0.71
N SER A 20 -7.56 18.38 -0.21
CA SER A 20 -7.13 19.73 0.18
C SER A 20 -8.20 20.53 0.90
N ASN A 21 -9.44 20.35 0.48
CA ASN A 21 -10.56 21.03 1.14
C ASN A 21 -11.04 20.38 2.44
N GLY A 22 -10.34 19.34 2.90
CA GLY A 22 -10.59 18.79 4.22
C GLY A 22 -11.89 18.09 4.44
N THR A 23 -12.52 17.63 3.36
CA THR A 23 -13.75 16.89 3.52
C THR A 23 -13.59 15.37 3.41
N GLU A 24 -12.56 14.88 2.69
CA GLU A 24 -12.36 13.44 2.50
C GLU A 24 -11.05 12.98 3.15
N ASN A 25 -11.15 11.93 3.96
CA ASN A 25 -9.99 11.36 4.63
C ASN A 25 -9.67 10.07 3.89
N TYR A 26 -8.53 10.07 3.18
CA TYR A 26 -8.07 8.90 2.44
C TYR A 26 -7.04 8.08 3.20
N SER A 27 -6.88 8.35 4.50
CA SER A 27 -5.86 7.67 5.27
C SER A 27 -5.99 6.15 5.29
N LYS A 28 -7.23 5.63 5.30
CA LYS A 28 -7.42 4.18 5.30
C LYS A 28 -6.81 3.48 4.07
N THR A 29 -6.94 4.01 2.88
N THR A 29 -7.01 4.07 2.89
CA THR A 29 -6.35 3.28 1.76
CA THR A 29 -6.42 3.61 1.62
C THR A 29 -4.81 3.31 1.74
C THR A 29 -4.91 3.38 1.75
N PHE A 30 -4.20 4.41 2.20
CA PHE A 30 -2.75 4.37 2.31
C PHE A 30 -2.28 3.45 3.45
N THR A 31 -3.07 3.40 4.53
CA THR A 31 -2.85 2.44 5.60
C THR A 31 -2.82 1.01 5.05
N THR A 32 -3.83 0.63 4.30
CA THR A 32 -3.89 -0.69 3.66
C THR A 32 -2.66 -0.99 2.76
N GLN A 33 -2.22 -0.01 1.97
CA GLN A 33 -1.08 -0.18 1.09
C GLN A 33 0.20 -0.43 1.93
N LEU A 34 0.39 0.34 2.99
CA LEU A 34 1.53 0.18 3.85
C LEU A 34 1.52 -1.21 4.54
N VAL A 35 0.38 -1.58 5.15
CA VAL A 35 0.27 -2.87 5.81
C VAL A 35 0.53 -4.02 4.85
N ASP A 36 0.12 -3.85 3.58
CA ASP A 36 0.34 -4.88 2.54
C ASP A 36 1.85 -5.08 2.23
N MSE A 37 2.65 -4.06 2.54
CA MSE A 37 4.10 -4.10 2.40
C MSE A 37 4.83 -4.42 3.72
O MSE A 37 6.03 -4.29 3.79
CB MSE A 37 4.62 -2.79 1.80
CG MSE A 37 4.19 -2.62 0.36
SE MSE A 37 4.97 -1.05 -0.52
CE MSE A 37 3.72 0.33 0.09
H MSE A 37 2.36 -3.31 2.86
HA MSE A 37 4.33 -4.81 1.76
HB2 MSE A 37 4.26 -2.05 2.31
HB3 MSE A 37 5.58 -2.78 1.83
HG2 MSE A 37 4.47 -3.40 -0.14
HG3 MSE A 37 3.23 -2.52 0.33
HE1 MSE A 37 3.98 1.17 -0.28
HE2 MSE A 37 2.84 0.10 -0.21
HE3 MSE A 37 3.74 0.36 1.04
N GLY A 38 4.08 -4.80 4.76
CA GLY A 38 4.66 -5.27 6.00
C GLY A 38 4.79 -4.27 7.13
N ALA A 39 4.44 -3.01 6.87
CA ALA A 39 4.55 -1.98 7.88
C ALA A 39 3.54 -2.17 8.99
N LYS A 40 3.87 -1.60 10.14
CA LYS A 40 2.89 -1.34 11.16
C LYS A 40 2.36 0.05 10.92
N VAL A 41 1.05 0.21 11.03
CA VAL A 41 0.44 1.54 11.02
C VAL A 41 -0.25 1.76 12.36
N SER A 42 0.20 2.82 13.03
CA SER A 42 -0.32 3.21 14.30
C SER A 42 -1.54 4.12 14.12
N LYS A 43 -2.58 3.91 14.94
CA LYS A 43 -3.73 4.82 14.91
C LYS A 43 -3.41 6.18 15.51
N THR A 44 -2.39 6.23 16.37
CA THR A 44 -2.00 7.49 17.00
C THR A 44 -0.56 7.78 16.71
N PHE A 45 -0.22 9.06 16.83
CA PHE A 45 1.12 9.51 16.52
C PHE A 45 1.86 9.45 17.85
N ASN A 46 2.30 8.26 18.21
CA ASN A 46 3.03 8.04 19.46
C ASN A 46 4.55 7.97 19.20
N LYS A 47 5.31 7.68 20.25
CA LYS A 47 6.76 7.76 20.24
C LYS A 47 7.38 6.66 19.38
N GLN A 48 6.60 5.61 19.05
CA GLN A 48 7.06 4.46 18.27
CA GLN A 48 7.15 4.52 18.28
C GLN A 48 7.08 4.80 16.77
N VAL A 49 6.33 5.82 16.38
CA VAL A 49 6.18 6.17 14.97
C VAL A 49 7.51 6.63 14.39
N THR A 50 7.83 6.02 13.25
CA THR A 50 9.02 6.33 12.49
C THR A 50 8.78 7.14 11.23
N HIS A 51 7.55 7.07 10.71
CA HIS A 51 7.16 7.65 9.42
C HIS A 51 5.79 8.30 9.56
N VAL A 52 5.64 9.52 9.05
CA VAL A 52 4.36 10.15 8.83
C VAL A 52 4.17 10.35 7.33
N ILE A 53 3.07 9.80 6.81
CA ILE A 53 2.66 9.98 5.44
CA ILE A 53 2.66 10.03 5.45
C ILE A 53 1.60 11.09 5.50
N PHE A 54 1.91 12.24 4.89
CA PHE A 54 1.17 13.46 5.08
C PHE A 54 0.72 14.06 3.78
N LYS A 55 -0.58 14.35 3.71
CA LYS A 55 -1.13 15.22 2.68
C LYS A 55 -2.29 16.01 3.27
N ASP A 56 -2.12 17.32 3.38
CA ASP A 56 -3.18 18.17 3.83
C ASP A 56 -3.82 17.73 5.14
N GLY A 57 -2.98 17.22 6.04
CA GLY A 57 -3.37 16.83 7.36
C GLY A 57 -3.35 18.01 8.30
N TYR A 58 -3.34 17.69 9.59
CA TYR A 58 -3.33 18.74 10.60
C TYR A 58 -1.97 19.46 10.68
N GLN A 59 -2.01 20.77 10.86
CA GLN A 59 -0.77 21.52 11.08
C GLN A 59 -0.04 20.98 12.31
N SER A 60 -0.78 20.58 13.34
CA SER A 60 -0.16 20.06 14.55
CA SER A 60 -0.15 20.08 14.55
C SER A 60 0.68 18.82 14.26
N THR A 61 0.21 18.02 13.32
CA THR A 61 0.89 16.77 12.89
C THR A 61 2.17 17.14 12.13
N TRP A 62 2.06 18.11 11.23
CA TRP A 62 3.21 18.56 10.45
C TRP A 62 4.29 19.03 11.42
N ASP A 63 3.89 19.86 12.36
CA ASP A 63 4.87 20.45 13.27
C ASP A 63 5.53 19.36 14.12
N LYS A 64 4.71 18.48 14.69
CA LYS A 64 5.19 17.40 15.51
C LYS A 64 6.15 16.50 14.71
N ALA A 65 5.82 16.16 13.46
CA ALA A 65 6.70 15.35 12.65
C ALA A 65 8.05 16.04 12.46
N GLN A 66 8.04 17.34 12.22
CA GLN A 66 9.28 18.09 12.01
C GLN A 66 10.08 18.10 13.32
N LYS A 67 9.41 18.46 14.41
CA LYS A 67 10.08 18.60 15.70
C LYS A 67 10.55 17.28 16.31
N ARG A 68 9.94 16.16 15.92
CA ARG A 68 10.32 14.88 16.46
C ARG A 68 11.37 14.22 15.55
N GLY A 69 11.53 14.75 14.35
CA GLY A 69 12.59 14.28 13.47
C GLY A 69 12.23 12.97 12.78
N VAL A 70 10.94 12.70 12.62
CA VAL A 70 10.50 11.47 11.97
C VAL A 70 10.58 11.63 10.45
N LYS A 71 10.48 10.52 9.71
CA LYS A 71 10.47 10.66 8.25
C LYS A 71 9.08 11.18 7.88
N LEU A 72 9.05 12.32 7.21
CA LEU A 72 7.83 13.00 6.81
C LEU A 72 7.77 12.97 5.28
N VAL A 73 6.89 12.12 4.76
CA VAL A 73 6.90 11.77 3.35
C VAL A 73 5.53 12.01 2.70
N SER A 74 5.55 12.21 1.36
CA SER A 74 4.34 12.35 0.58
C SER A 74 3.76 11.00 0.29
N VAL A 75 2.51 11.01 -0.23
CA VAL A 75 1.90 9.75 -0.66
C VAL A 75 2.68 9.10 -1.80
N LEU A 76 3.39 9.90 -2.58
CA LEU A 76 4.11 9.36 -3.74
C LEU A 76 5.13 8.35 -3.24
N TRP A 77 5.60 8.50 -2.01
CA TRP A 77 6.56 7.55 -1.44
C TRP A 77 5.94 6.15 -1.36
N VAL A 78 4.70 6.11 -0.83
CA VAL A 78 3.99 4.83 -0.68
C VAL A 78 3.83 4.16 -2.05
N GLU A 79 3.37 4.91 -3.04
CA GLU A 79 3.22 4.38 -4.42
C GLU A 79 4.53 3.87 -4.99
N LYS A 80 5.58 4.66 -4.87
CA LYS A 80 6.90 4.29 -5.39
C LYS A 80 7.46 3.03 -4.70
N CYS A 81 7.30 2.87 -3.37
CA CYS A 81 7.75 1.63 -2.75
C CYS A 81 7.00 0.45 -3.36
N ARG A 82 5.70 0.62 -3.55
CA ARG A 82 4.87 -0.44 -4.08
C ARG A 82 5.26 -0.79 -5.51
N THR A 83 5.44 0.21 -6.36
CA THR A 83 5.67 -0.08 -7.77
C THR A 83 7.11 -0.59 -7.95
N ALA A 84 8.03 -0.13 -7.11
CA ALA A 84 9.42 -0.56 -7.22
C ALA A 84 9.71 -1.87 -6.48
N GLY A 85 8.81 -2.24 -5.57
CA GLY A 85 9.03 -3.37 -4.68
C GLY A 85 10.26 -3.23 -3.79
N ALA A 86 10.52 -2.02 -3.32
CA ALA A 86 11.70 -1.73 -2.54
C ALA A 86 11.41 -0.63 -1.52
N HIS A 87 12.20 -0.60 -0.46
CA HIS A 87 12.08 0.47 0.52
C HIS A 87 12.86 1.61 -0.08
N ILE A 88 12.15 2.59 -0.61
CA ILE A 88 12.74 3.76 -1.29
C ILE A 88 13.23 4.79 -0.29
N ASP A 89 14.31 5.49 -0.62
CA ASP A 89 14.85 6.57 0.19
C ASP A 89 13.82 7.68 0.46
N GLU A 90 13.46 7.88 1.74
CA GLU A 90 12.45 8.83 2.12
C GLU A 90 12.82 10.28 1.77
N SER A 91 14.13 10.55 1.64
CA SER A 91 14.56 11.93 1.46
C SER A 91 14.19 12.39 0.03
N LEU A 92 13.88 11.45 -0.85
CA LEU A 92 13.48 11.78 -2.21
C LEU A 92 12.00 12.15 -2.36
N PHE A 93 11.25 11.99 -1.26
CA PHE A 93 9.81 12.16 -1.25
C PHE A 93 9.33 13.07 -0.10
N PRO A 94 9.93 14.27 0.00
CA PRO A 94 9.50 15.17 1.07
C PRO A 94 8.00 15.49 0.96
N ALA A 95 7.30 15.56 2.09
CA ALA A 95 5.88 15.94 2.09
C ALA A 95 5.76 17.43 1.86
N ALA A 96 4.58 17.86 1.42
CA ALA A 96 4.25 19.27 1.22
C ALA A 96 3.23 19.73 2.23
N ASN A 97 3.24 21.03 2.51
CA ASN A 97 2.21 21.68 3.32
C ASN A 97 2.08 23.08 2.79
N MSE A 98 0.99 23.36 2.09
CA MSE A 98 0.88 24.66 1.41
C MSE A 98 0.92 25.84 2.37
O MSE A 98 1.29 26.93 1.96
CB MSE A 98 -0.34 24.76 0.49
CG MSE A 98 -1.63 24.74 1.14
SE MSE A 98 -3.05 25.02 -0.21
CE MSE A 98 -3.41 23.11 -0.37
H MSE A 98 0.31 22.83 1.99
HA MSE A 98 1.66 24.75 0.83
HB2 MSE A 98 -0.28 25.59 0.00
HB3 MSE A 98 -0.31 24.01 -0.12
HG2 MSE A 98 -1.77 23.87 1.56
HG3 MSE A 98 -1.68 25.45 1.80
HE1 MSE A 98 -4.12 22.98 -1.01
HE2 MSE A 98 -2.62 22.67 -0.66
HE3 MSE A 98 -3.68 22.77 0.49
N ASN A 99 0.59 25.62 3.65
CA ASN A 99 0.67 26.69 4.64
C ASN A 99 2.03 26.82 5.40
N GLU A 100 3.02 26.00 5.11
CA GLU A 100 4.17 25.89 6.03
C GLU A 100 4.93 27.18 6.32
N HIS A 101 4.99 28.10 5.37
CA HIS A 101 5.77 29.32 5.59
C HIS A 101 4.86 30.53 5.73
N LEU A 102 3.71 30.33 6.38
CA LEU A 102 2.67 31.36 6.49
C LEU A 102 2.21 31.53 7.94
N ALA B 4 -24.99 24.65 -11.53
CA ALA B 4 -24.10 24.57 -10.37
C ALA B 4 -22.63 24.52 -10.79
N ALA B 5 -21.75 24.47 -9.79
CA ALA B 5 -20.32 24.59 -10.03
C ALA B 5 -19.78 23.29 -10.61
N PRO B 6 -18.89 23.40 -11.59
CA PRO B 6 -18.22 22.20 -12.05
C PRO B 6 -17.38 21.59 -10.94
N ILE B 7 -17.37 20.28 -10.92
CA ILE B 7 -16.55 19.54 -10.01
C ILE B 7 -15.09 19.60 -10.47
N LEU B 8 -14.88 19.25 -11.73
CA LEU B 8 -13.56 19.18 -12.30
C LEU B 8 -13.19 20.57 -12.89
N LYS B 9 -11.93 20.95 -12.70
CA LYS B 9 -11.42 22.24 -13.13
C LYS B 9 -10.37 22.06 -14.22
N ASP B 10 -10.59 22.74 -15.34
CA ASP B 10 -9.60 22.88 -16.43
C ASP B 10 -9.31 21.51 -17.09
N VAL B 11 -10.26 20.57 -17.07
CA VAL B 11 -10.01 19.22 -17.61
C VAL B 11 -10.49 19.08 -19.05
N VAL B 12 -9.56 18.64 -19.90
CA VAL B 12 -9.83 18.12 -21.23
C VAL B 12 -9.41 16.65 -21.23
N ALA B 13 -10.40 15.77 -21.13
CA ALA B 13 -10.14 14.37 -20.95
C ALA B 13 -10.21 13.54 -22.21
N TYR B 14 -9.37 12.50 -22.23
CA TYR B 14 -9.46 11.42 -23.16
C TYR B 14 -9.66 10.14 -22.36
N VAL B 15 -10.61 9.32 -22.76
CA VAL B 15 -10.97 8.16 -21.99
C VAL B 15 -10.62 6.88 -22.73
N GLU B 16 -9.89 6.02 -22.04
CA GLU B 16 -9.48 4.73 -22.55
C GLU B 16 -9.62 3.69 -21.45
N VAL B 17 -10.84 3.21 -21.30
CA VAL B 17 -11.16 2.32 -20.21
C VAL B 17 -11.72 1.09 -20.86
N TRP B 18 -11.03 -0.01 -20.62
CA TRP B 18 -11.36 -1.30 -21.22
C TRP B 18 -11.52 -2.37 -20.17
N SER B 19 -12.25 -3.43 -20.53
CA SER B 19 -12.29 -4.62 -19.73
C SER B 19 -10.89 -5.20 -19.72
N SER B 20 -10.61 -6.04 -18.73
CA SER B 20 -9.26 -6.57 -18.63
C SER B 20 -8.89 -7.47 -19.83
N ASN B 21 -9.90 -8.04 -20.51
CA ASN B 21 -9.64 -8.89 -21.70
C ASN B 21 -9.68 -8.14 -23.06
N GLY B 22 -9.91 -6.83 -23.01
CA GLY B 22 -9.81 -5.98 -24.20
C GLY B 22 -11.05 -5.96 -25.09
N THR B 23 -12.03 -6.83 -24.86
CA THR B 23 -13.09 -6.94 -25.84
C THR B 23 -14.12 -5.85 -25.70
N GLU B 24 -14.17 -5.22 -24.52
CA GLU B 24 -15.23 -4.29 -24.20
C GLU B 24 -14.67 -2.93 -23.81
N ASN B 25 -15.16 -1.92 -24.50
CA ASN B 25 -14.83 -0.55 -24.22
C ASN B 25 -15.93 0.06 -23.34
N TYR B 26 -15.53 0.62 -22.20
CA TYR B 26 -16.45 1.31 -21.33
C TYR B 26 -16.29 2.81 -21.35
N SER B 27 -15.65 3.30 -22.38
CA SER B 27 -15.34 4.71 -22.39
C SER B 27 -16.62 5.60 -22.39
N LYS B 28 -17.74 5.16 -22.96
CA LYS B 28 -18.96 5.98 -22.95
CA LYS B 28 -18.94 6.01 -22.95
C LYS B 28 -19.44 6.27 -21.52
N THR B 29 -19.41 5.23 -20.68
CA THR B 29 -19.81 5.37 -19.28
C THR B 29 -19.02 6.47 -18.59
N PHE B 30 -17.72 6.46 -18.81
CA PHE B 30 -16.84 7.43 -18.14
C PHE B 30 -16.89 8.81 -18.79
N THR B 31 -17.14 8.84 -20.11
CA THR B 31 -17.31 10.10 -20.81
C THR B 31 -18.49 10.86 -20.20
N THR B 32 -19.59 10.17 -20.00
CA THR B 32 -20.77 10.83 -19.45
C THR B 32 -20.52 11.39 -18.05
N GLN B 33 -19.85 10.60 -17.23
CA GLN B 33 -19.51 11.08 -15.88
C GLN B 33 -18.66 12.32 -15.90
N LEU B 34 -17.66 12.32 -16.78
CA LEU B 34 -16.72 13.43 -16.82
C LEU B 34 -17.44 14.71 -17.25
N VAL B 35 -18.26 14.59 -18.28
CA VAL B 35 -19.01 15.72 -18.79
C VAL B 35 -19.95 16.28 -17.71
N ASP B 36 -20.60 15.38 -16.99
CA ASP B 36 -21.50 15.75 -15.88
C ASP B 36 -20.76 16.49 -14.76
N MSE B 37 -19.46 16.23 -14.66
CA MSE B 37 -18.63 16.86 -13.63
CA MSE B 37 -18.58 16.79 -13.65
C MSE B 37 -17.95 18.12 -14.11
O MSE B 37 -17.15 18.73 -13.36
CB MSE B 37 -17.58 15.88 -13.13
CB MSE B 37 -17.49 15.74 -13.32
CG MSE B 37 -18.12 14.97 -12.05
CG MSE B 37 -18.03 14.43 -12.69
SE MSE B 37 -16.77 14.23 -10.88
SE MSE B 37 -16.92 12.81 -12.78
CE MSE B 37 -15.96 12.90 -12.05
CE MSE B 37 -15.39 13.45 -11.72
H MSE B 37 -19.03 15.70 -15.19
H MSE B 37 -19.04 15.71 -15.21
HA MSE B 37 -19.20 17.09 -12.87
HA MSE B 37 -19.09 16.96 -12.83
HB2 MSE B 37 -17.27 15.33 -13.86
HB2 MSE B 37 -17.02 15.52 -14.14
HB3 MSE B 37 -16.83 16.38 -12.75
HB3 MSE B 37 -16.86 16.14 -12.69
HG2 MSE B 37 -18.74 15.48 -11.51
HG2 MSE B 37 -18.21 14.59 -11.76
HG3 MSE B 37 -18.58 14.24 -12.48
HG3 MSE B 37 -18.88 14.21 -13.13
HE1 MSE B 37 -15.27 12.44 -11.57
HE1 MSE B 37 -14.73 12.76 -11.67
HE2 MSE B 37 -16.64 12.27 -12.32
HE2 MSE B 37 -15.01 14.23 -12.17
HE3 MSE B 37 -15.60 13.33 -12.82
HE3 MSE B 37 -15.69 13.70 -10.85
N GLY B 38 -18.24 18.54 -15.35
CA GLY B 38 -17.71 19.79 -15.88
C GLY B 38 -16.50 19.71 -16.78
N ALA B 39 -16.04 18.50 -17.07
CA ALA B 39 -14.89 18.30 -17.96
C ALA B 39 -15.29 18.44 -19.42
N LYS B 40 -14.32 18.75 -20.25
CA LYS B 40 -14.48 18.54 -21.67
C LYS B 40 -13.94 17.15 -21.96
N VAL B 41 -14.57 16.44 -22.90
CA VAL B 41 -14.08 15.15 -23.30
C VAL B 41 -13.85 15.20 -24.78
N SER B 42 -12.63 14.84 -25.15
CA SER B 42 -12.23 14.79 -26.53
C SER B 42 -12.31 13.34 -27.03
N LYS B 43 -12.83 13.18 -28.24
CA LYS B 43 -12.98 11.86 -28.84
CA LYS B 43 -12.98 11.87 -28.86
C LYS B 43 -11.60 11.33 -29.24
N THR B 44 -10.69 12.25 -29.54
CA THR B 44 -9.32 11.88 -29.87
C THR B 44 -8.35 12.39 -28.80
N PHE B 45 -7.18 11.77 -28.73
CA PHE B 45 -6.16 12.18 -27.76
C PHE B 45 -5.36 13.37 -28.38
N ASN B 46 -6.02 14.54 -28.42
CA ASN B 46 -5.51 15.72 -29.11
C ASN B 46 -4.53 16.50 -28.23
N LYS B 47 -3.96 17.58 -28.75
CA LYS B 47 -2.92 18.33 -28.06
C LYS B 47 -3.41 19.17 -26.88
N GLN B 48 -4.72 19.31 -26.75
CA GLN B 48 -5.24 20.05 -25.60
C GLN B 48 -5.66 19.12 -24.46
N VAL B 49 -5.65 17.80 -24.71
CA VAL B 49 -5.93 16.82 -23.63
C VAL B 49 -4.98 17.01 -22.44
N THR B 50 -5.59 17.13 -21.26
CA THR B 50 -4.88 17.28 -20.00
C THR B 50 -4.79 15.98 -19.17
N HIS B 51 -5.81 15.12 -19.34
CA HIS B 51 -5.97 13.91 -18.54
C HIS B 51 -6.34 12.76 -19.43
N VAL B 52 -5.72 11.60 -19.21
CA VAL B 52 -6.19 10.38 -19.80
C VAL B 52 -6.69 9.48 -18.66
N ILE B 53 -7.96 9.08 -18.71
CA ILE B 53 -8.55 8.15 -17.75
C ILE B 53 -8.25 6.79 -18.34
N PHE B 54 -7.36 6.05 -17.68
CA PHE B 54 -6.74 4.87 -18.28
C PHE B 54 -7.02 3.63 -17.42
N LYS B 55 -7.58 2.61 -18.07
CA LYS B 55 -7.70 1.30 -17.44
C LYS B 55 -7.53 0.24 -18.51
N ASP B 56 -6.47 -0.55 -18.38
CA ASP B 56 -6.19 -1.66 -19.28
C ASP B 56 -6.26 -1.25 -20.75
N GLY B 57 -5.68 -0.08 -21.00
CA GLY B 57 -5.62 0.50 -22.33
C GLY B 57 -4.36 0.13 -23.07
N TYR B 58 -4.09 0.87 -24.14
CA TYR B 58 -3.00 0.55 -25.08
C TYR B 58 -1.66 1.14 -24.61
N GLN B 59 -0.57 0.42 -24.78
CA GLN B 59 0.72 0.94 -24.38
C GLN B 59 1.02 2.18 -25.17
N SER B 60 0.52 2.20 -26.41
CA SER B 60 0.62 3.34 -27.30
C SER B 60 0.12 4.63 -26.62
N THR B 61 -1.00 4.49 -25.93
CA THR B 61 -1.66 5.64 -25.32
C THR B 61 -0.86 6.05 -24.10
N TRP B 62 -0.46 5.05 -23.32
CA TRP B 62 0.29 5.27 -22.10
C TRP B 62 1.59 6.02 -22.46
N ASP B 63 2.26 5.51 -23.48
CA ASP B 63 3.55 6.08 -23.88
C ASP B 63 3.40 7.52 -24.36
N LYS B 64 2.34 7.77 -25.14
CA LYS B 64 2.14 9.13 -25.67
C LYS B 64 1.80 10.09 -24.55
N ALA B 65 1.01 9.62 -23.58
CA ALA B 65 0.69 10.48 -22.43
C ALA B 65 1.96 10.83 -21.65
N GLN B 66 2.84 9.87 -21.41
CA GLN B 66 4.09 10.12 -20.69
CA GLN B 66 4.07 10.15 -20.67
C GLN B 66 4.95 11.12 -21.47
N LYS B 67 5.03 10.92 -22.79
CA LYS B 67 5.89 11.76 -23.62
CA LYS B 67 5.84 11.78 -23.68
C LYS B 67 5.36 13.22 -23.65
N ARG B 68 4.04 13.38 -23.68
CA ARG B 68 3.38 14.70 -23.58
C ARG B 68 3.26 15.28 -22.15
N GLY B 69 3.53 14.49 -21.15
CA GLY B 69 3.43 14.95 -19.77
C GLY B 69 1.97 15.08 -19.32
N VAL B 70 1.09 14.33 -19.98
CA VAL B 70 -0.33 14.39 -19.69
C VAL B 70 -0.63 13.50 -18.49
N LYS B 71 -1.56 13.90 -17.63
CA LYS B 71 -1.83 13.15 -16.42
C LYS B 71 -2.60 11.88 -16.74
N LEU B 72 -2.09 10.75 -16.25
CA LEU B 72 -2.71 9.45 -16.36
C LEU B 72 -3.41 9.18 -15.04
N VAL B 73 -4.72 9.16 -15.08
CA VAL B 73 -5.53 8.96 -13.90
C VAL B 73 -6.40 7.71 -14.03
N SER B 74 -6.78 7.15 -12.89
CA SER B 74 -7.54 5.92 -12.82
C SER B 74 -9.04 6.14 -12.84
N VAL B 75 -9.80 5.06 -13.06
CA VAL B 75 -11.25 5.16 -12.82
C VAL B 75 -11.57 5.47 -11.34
N LEU B 76 -10.70 5.00 -10.43
CA LEU B 76 -10.88 5.27 -9.00
C LEU B 76 -10.84 6.79 -8.77
N TRP B 77 -9.90 7.47 -9.43
CA TRP B 77 -9.82 8.93 -9.32
C TRP B 77 -11.18 9.59 -9.71
N VAL B 78 -11.75 9.16 -10.82
CA VAL B 78 -13.04 9.66 -11.26
C VAL B 78 -14.08 9.45 -10.14
N GLU B 79 -14.11 8.23 -9.58
CA GLU B 79 -15.07 7.88 -8.56
C GLU B 79 -14.89 8.80 -7.32
N LYS B 80 -13.63 9.02 -6.95
CA LYS B 80 -13.31 9.79 -5.73
C LYS B 80 -13.69 11.28 -5.92
N CYS B 81 -13.45 11.82 -7.11
CA CYS B 81 -13.90 13.18 -7.43
C CYS B 81 -15.42 13.24 -7.33
N ARG B 82 -16.09 12.21 -7.86
CA ARG B 82 -17.55 12.18 -7.83
C ARG B 82 -18.13 12.15 -6.42
N THR B 83 -17.52 11.34 -5.57
CA THR B 83 -17.99 11.13 -4.21
CA THR B 83 -18.04 11.16 -4.23
C THR B 83 -17.71 12.37 -3.39
N ALA B 84 -16.56 12.97 -3.62
CA ALA B 84 -16.16 14.18 -2.92
C ALA B 84 -16.90 15.43 -3.42
N GLY B 85 -17.37 15.40 -4.66
CA GLY B 85 -17.92 16.58 -5.27
C GLY B 85 -16.81 17.63 -5.42
N ALA B 86 -15.59 17.18 -5.71
CA ALA B 86 -14.46 18.09 -5.81
C ALA B 86 -13.36 17.49 -6.66
N HIS B 87 -12.46 18.37 -7.11
CA HIS B 87 -11.36 17.95 -7.97
C HIS B 87 -10.16 17.52 -7.10
N ILE B 88 -10.11 16.21 -6.87
CA ILE B 88 -9.09 15.59 -6.03
C ILE B 88 -7.75 15.54 -6.73
N ASP B 89 -6.69 15.63 -5.98
CA ASP B 89 -5.33 15.58 -6.51
CA ASP B 89 -5.38 15.64 -6.60
C ASP B 89 -5.13 14.31 -7.33
N GLU B 90 -4.63 14.46 -8.55
CA GLU B 90 -4.43 13.30 -9.43
C GLU B 90 -3.41 12.32 -8.85
N SER B 91 -2.49 12.78 -8.01
CA SER B 91 -1.47 11.92 -7.44
C SER B 91 -2.00 10.95 -6.39
N LEU B 92 -3.22 11.12 -5.92
CA LEU B 92 -3.70 10.24 -4.88
C LEU B 92 -4.09 8.87 -5.44
N PHE B 93 -4.56 8.86 -6.69
CA PHE B 93 -5.20 7.71 -7.30
C PHE B 93 -4.71 7.63 -8.74
N PRO B 94 -3.40 7.42 -8.88
CA PRO B 94 -2.81 7.32 -10.21
C PRO B 94 -3.20 6.02 -10.91
N ALA B 95 -3.17 6.06 -12.24
CA ALA B 95 -3.40 4.89 -13.08
C ALA B 95 -2.25 3.91 -12.95
N ALA B 96 -2.54 2.68 -13.29
CA ALA B 96 -1.53 1.64 -13.34
C ALA B 96 -1.45 1.11 -14.75
N ASN B 97 -0.27 0.72 -15.20
CA ASN B 97 -0.17 0.02 -16.47
C ASN B 97 0.27 -1.42 -16.22
N MSE B 98 -0.55 -2.37 -16.68
CA MSE B 98 -0.31 -3.81 -16.46
C MSE B 98 0.59 -4.42 -17.53
O MSE B 98 0.18 -5.37 -18.22
CB MSE B 98 -1.64 -4.57 -16.44
CG MSE B 98 -2.72 -3.96 -15.54
SE MSE B 98 -2.19 -3.95 -13.65
CE MSE B 98 -1.45 -5.75 -13.53
H MSE B 98 -1.26 -2.21 -17.13
HA MSE B 98 0.12 -3.93 -15.58
HB2 MSE B 98 -1.99 -4.59 -17.35
HB3 MSE B 98 -1.47 -5.48 -16.13
HG2 MSE B 98 -2.88 -3.05 -15.81
HG3 MSE B 98 -3.52 -4.49 -15.62
HE1 MSE B 98 -1.13 -5.89 -12.64
HE2 MSE B 98 -2.13 -6.38 -13.75
HE3 MSE B 98 -0.72 -5.83 -14.15
N ASN B 99 1.81 -3.90 -17.66
CA ASN B 99 2.74 -4.35 -18.70
C ASN B 99 4.19 -4.05 -18.31
N PRO C 6 5.41 -36.93 14.98
CA PRO C 6 5.10 -37.18 16.39
C PRO C 6 5.91 -36.34 17.39
N ILE C 7 7.11 -35.89 17.03
CA ILE C 7 7.81 -34.94 17.88
C ILE C 7 6.96 -33.69 18.04
N LEU C 8 6.32 -33.27 16.94
CA LEU C 8 5.46 -32.08 16.94
C LEU C 8 4.07 -32.46 16.42
N LYS C 9 3.39 -33.29 17.20
CA LYS C 9 2.18 -33.98 16.73
C LYS C 9 1.13 -33.04 16.18
N ASP C 10 0.52 -32.25 17.06
CA ASP C 10 -0.65 -31.49 16.65
C ASP C 10 -0.28 -30.09 16.17
N VAL C 11 0.86 -29.98 15.49
CA VAL C 11 1.37 -28.68 15.06
C VAL C 11 1.03 -28.37 13.60
N VAL C 12 0.46 -27.19 13.39
CA VAL C 12 0.18 -26.69 12.06
C VAL C 12 0.91 -25.37 12.00
N ALA C 13 2.01 -25.35 11.25
CA ALA C 13 2.93 -24.25 11.25
C ALA C 13 2.72 -23.40 10.00
N TYR C 14 2.80 -22.10 10.20
CA TYR C 14 2.90 -21.17 9.09
C TYR C 14 4.24 -20.52 9.24
N VAL C 15 5.08 -20.64 8.23
CA VAL C 15 6.45 -20.17 8.33
C VAL C 15 6.61 -18.85 7.55
N GLU C 16 7.07 -17.82 8.26
CA GLU C 16 7.27 -16.49 7.67
C GLU C 16 8.62 -15.98 8.08
N VAL C 17 9.64 -16.39 7.33
CA VAL C 17 11.01 -16.16 7.69
C VAL C 17 11.63 -15.50 6.48
N TRP C 18 11.91 -14.20 6.59
CA TRP C 18 12.48 -13.44 5.50
C TRP C 18 13.88 -12.94 5.84
N SER C 19 14.60 -12.47 4.81
CA SER C 19 15.91 -11.82 4.96
C SER C 19 15.81 -10.55 5.81
N SER C 20 16.95 -10.01 6.21
CA SER C 20 16.95 -8.91 7.17
C SER C 20 16.31 -7.62 6.62
N ASN C 21 16.27 -7.46 5.30
CA ASN C 21 15.63 -6.28 4.72
C ASN C 21 14.24 -6.60 4.17
N GLY C 22 13.72 -7.78 4.52
CA GLY C 22 12.38 -8.20 4.15
C GLY C 22 12.15 -8.41 2.65
N THR C 23 13.20 -8.69 1.89
CA THR C 23 13.05 -8.82 0.45
C THR C 23 13.20 -10.24 -0.13
N GLU C 24 13.83 -11.16 0.62
CA GLU C 24 13.97 -12.54 0.17
C GLU C 24 13.33 -13.48 1.19
N ASN C 25 12.58 -14.46 0.71
CA ASN C 25 11.81 -15.36 1.59
C ASN C 25 12.63 -16.63 1.78
N TYR C 26 13.00 -16.89 3.03
CA TYR C 26 13.82 -18.05 3.40
C TYR C 26 13.00 -19.09 4.15
N SER C 27 11.68 -19.06 3.95
CA SER C 27 10.78 -19.90 4.73
C SER C 27 10.97 -21.40 4.43
N LYS C 28 11.31 -21.76 3.18
CA LYS C 28 11.45 -23.16 2.76
C LYS C 28 12.45 -23.95 3.58
N THR C 29 13.55 -23.31 3.98
CA THR C 29 14.57 -23.94 4.81
C THR C 29 13.96 -24.58 6.07
N PHE C 30 13.00 -23.91 6.67
CA PHE C 30 12.41 -24.31 7.94
C PHE C 30 11.15 -25.14 7.76
N THR C 31 10.48 -24.93 6.63
CA THR C 31 9.29 -25.69 6.30
C THR C 31 9.66 -27.17 6.19
N THR C 32 10.86 -27.46 5.72
CA THR C 32 11.30 -28.86 5.60
C THR C 32 11.62 -29.48 6.97
N GLN C 33 12.26 -28.70 7.84
CA GLN C 33 12.61 -29.20 9.18
C GLN C 33 11.37 -29.54 10.01
N LEU C 34 10.31 -28.75 9.86
CA LEU C 34 9.07 -28.95 10.61
C LEU C 34 8.36 -30.17 10.08
N VAL C 35 8.44 -30.38 8.77
CA VAL C 35 7.84 -31.56 8.15
C VAL C 35 8.53 -32.81 8.69
N ASP C 36 9.85 -32.75 8.80
CA ASP C 36 10.64 -33.86 9.32
C ASP C 36 10.22 -34.27 10.74
N MSE C 37 9.74 -33.31 11.53
CA MSE C 37 9.33 -33.58 12.92
C MSE C 37 7.84 -33.85 13.04
O MSE C 37 7.28 -33.81 14.13
CB MSE C 37 9.73 -32.45 13.85
CG MSE C 37 11.23 -32.24 13.98
SE MSE C 37 11.72 -30.99 15.39
CE MSE C 37 11.16 -29.35 14.49
H MSE C 37 9.65 -32.49 11.31
HA MSE C 37 9.81 -34.39 13.23
HB2 MSE C 37 9.34 -31.62 13.52
HB3 MSE C 37 9.39 -32.63 14.75
HG2 MSE C 37 11.64 -33.10 14.17
HG3 MSE C 37 11.57 -31.90 13.14
HE1 MSE C 37 11.33 -28.60 15.07
HE2 MSE C 37 11.65 -29.25 13.67
HE3 MSE C 37 10.22 -29.40 14.31
N GLY C 38 7.19 -34.09 11.91
CA GLY C 38 5.78 -34.45 11.90
C GLY C 38 4.78 -33.32 11.93
N ALA C 39 5.26 -32.08 11.96
CA ALA C 39 4.38 -30.92 11.92
C ALA C 39 3.70 -30.89 10.55
N LYS C 40 2.52 -30.28 10.47
CA LYS C 40 1.91 -29.96 9.20
C LYS C 40 2.29 -28.52 8.91
N VAL C 41 2.60 -28.22 7.66
CA VAL C 41 2.91 -26.83 7.30
C VAL C 41 1.79 -26.28 6.42
N SER C 42 1.31 -25.07 6.75
CA SER C 42 0.25 -24.41 6.00
C SER C 42 0.85 -23.36 5.05
N LYS C 43 0.29 -23.27 3.84
CA LYS C 43 0.72 -22.30 2.84
C LYS C 43 0.31 -20.89 3.28
N THR C 44 -0.87 -20.80 3.87
CA THR C 44 -1.44 -19.55 4.30
C THR C 44 -1.64 -19.54 5.81
N PHE C 45 -1.68 -18.35 6.39
CA PHE C 45 -1.99 -18.20 7.79
C PHE C 45 -3.50 -18.29 7.92
N ASN C 46 -4.03 -19.51 7.97
CA ASN C 46 -5.47 -19.73 8.08
C ASN C 46 -5.89 -20.09 9.52
N LYS C 47 -7.15 -20.49 9.68
CA LYS C 47 -7.70 -20.77 10.99
C LYS C 47 -7.06 -22.00 11.62
N GLN C 48 -6.46 -22.83 10.78
CA GLN C 48 -5.92 -24.11 11.24
C GLN C 48 -4.55 -23.94 11.89
N VAL C 49 -3.93 -22.79 11.66
CA VAL C 49 -2.57 -22.57 12.13
C VAL C 49 -2.50 -22.43 13.65
N THR C 50 -1.57 -23.16 14.24
CA THR C 50 -1.35 -23.17 15.68
C THR C 50 -0.04 -22.47 16.04
N HIS C 51 0.90 -22.46 15.10
CA HIS C 51 2.22 -21.86 15.29
C HIS C 51 2.65 -21.04 14.08
N VAL C 52 3.25 -19.89 14.35
CA VAL C 52 3.87 -19.06 13.32
C VAL C 52 5.35 -18.93 13.66
N ILE C 53 6.21 -19.36 12.73
CA ILE C 53 7.64 -19.24 12.87
C ILE C 53 8.02 -17.94 12.16
N PHE C 54 8.45 -16.94 12.92
CA PHE C 54 8.49 -15.57 12.43
C PHE C 54 9.88 -15.01 12.51
N LYS C 55 10.36 -14.48 11.39
CA LYS C 55 11.59 -13.73 11.32
C LYS C 55 11.45 -12.63 10.27
N ASP C 56 11.48 -11.38 10.69
CA ASP C 56 11.48 -10.26 9.76
C ASP C 56 10.31 -10.32 8.77
N GLY C 57 9.12 -10.68 9.27
CA GLY C 57 7.95 -10.80 8.42
C GLY C 57 7.05 -9.57 8.48
N TYR C 58 5.82 -9.76 8.02
CA TYR C 58 4.83 -8.70 7.99
C TYR C 58 4.32 -8.38 9.40
N GLN C 59 4.23 -7.10 9.73
CA GLN C 59 3.66 -6.71 10.99
CA GLN C 59 3.62 -6.71 11.01
C GLN C 59 2.22 -7.27 11.09
N SER C 60 1.53 -7.38 9.95
CA SER C 60 0.17 -7.90 9.97
C SER C 60 0.12 -9.36 10.44
N THR C 61 1.13 -10.15 10.10
CA THR C 61 1.20 -11.54 10.60
C THR C 61 1.43 -11.55 12.11
N TRP C 62 2.34 -10.70 12.58
CA TRP C 62 2.60 -10.60 14.00
C TRP C 62 1.33 -10.25 14.78
N ASP C 63 0.56 -9.29 14.29
CA ASP C 63 -0.66 -8.85 14.98
C ASP C 63 -1.73 -9.92 14.98
N LYS C 64 -1.90 -10.60 13.86
CA LYS C 64 -2.90 -11.65 13.77
C LYS C 64 -2.55 -12.80 14.68
N ALA C 65 -1.26 -13.11 14.80
CA ALA C 65 -0.83 -14.22 15.63
C ALA C 65 -1.14 -13.87 17.08
N GLN C 66 -0.79 -12.65 17.47
CA GLN C 66 -1.06 -12.19 18.82
C GLN C 66 -2.56 -12.14 19.11
N LYS C 67 -3.32 -11.59 18.16
CA LYS C 67 -4.78 -11.56 18.27
C LYS C 67 -5.35 -12.94 18.59
N ARG C 68 -4.91 -13.93 17.82
CA ARG C 68 -5.43 -15.30 17.91
C ARG C 68 -4.70 -16.14 18.97
N GLY C 69 -3.67 -15.59 19.58
CA GLY C 69 -2.93 -16.30 20.61
C GLY C 69 -2.18 -17.52 20.07
N VAL C 70 -1.99 -17.58 18.77
CA VAL C 70 -1.19 -18.66 18.21
C VAL C 70 0.22 -18.43 18.73
N LYS C 71 1.01 -19.48 18.81
CA LYS C 71 2.36 -19.37 19.33
C LYS C 71 3.26 -18.72 18.28
N LEU C 72 3.89 -17.62 18.65
CA LEU C 72 4.86 -16.96 17.79
C LEU C 72 6.24 -17.36 18.24
N VAL C 73 6.94 -18.12 17.40
CA VAL C 73 8.21 -18.70 17.80
C VAL C 73 9.31 -18.37 16.80
N SER C 74 10.55 -18.28 17.30
CA SER C 74 11.70 -17.94 16.47
C SER C 74 12.16 -19.15 15.68
N VAL C 75 13.03 -18.93 14.70
CA VAL C 75 13.64 -20.03 13.98
C VAL C 75 14.50 -20.85 14.94
N LEU C 76 15.06 -20.21 15.97
CA LEU C 76 15.87 -20.89 16.98
C LEU C 76 15.06 -21.96 17.74
N TRP C 77 13.76 -21.76 17.82
CA TRP C 77 12.89 -22.75 18.46
C TRP C 77 12.79 -24.03 17.64
N VAL C 78 12.78 -23.89 16.32
CA VAL C 78 12.79 -25.05 15.44
C VAL C 78 14.15 -25.76 15.56
N GLU C 79 15.21 -25.00 15.85
CA GLU C 79 16.55 -25.56 15.99
C GLU C 79 16.71 -26.28 17.33
N LYS C 80 16.22 -25.66 18.40
CA LYS C 80 16.36 -26.25 19.72
C LYS C 80 15.39 -27.41 19.90
N CYS C 81 14.39 -27.49 19.02
CA CYS C 81 13.53 -28.67 18.96
C CYS C 81 14.29 -29.78 18.25
N ARG C 82 14.78 -29.47 17.05
CA ARG C 82 15.53 -30.42 16.24
C ARG C 82 16.58 -31.10 17.11
N THR C 83 17.12 -30.35 18.08
CA THR C 83 18.14 -30.87 18.97
C THR C 83 17.51 -31.75 20.05
N ALA C 84 16.67 -31.14 20.90
CA ALA C 84 16.08 -31.84 22.04
C ALA C 84 15.27 -33.07 21.62
N GLY C 85 15.11 -33.28 20.32
CA GLY C 85 14.18 -34.29 19.85
C GLY C 85 12.90 -34.15 20.63
N ALA C 86 12.69 -32.95 21.17
CA ALA C 86 11.58 -32.65 22.05
C ALA C 86 10.79 -31.48 21.50
N HIS C 87 9.50 -31.47 21.80
CA HIS C 87 8.66 -30.31 21.53
C HIS C 87 8.87 -29.38 22.71
N ILE C 88 9.81 -28.45 22.53
CA ILE C 88 10.21 -27.55 23.61
C ILE C 88 9.22 -26.41 23.82
N ASP C 89 9.08 -26.01 25.08
CA ASP C 89 8.18 -24.93 25.50
C ASP C 89 8.37 -23.65 24.67
N GLU C 90 7.29 -23.17 24.09
CA GLU C 90 7.34 -22.05 23.15
C GLU C 90 7.70 -20.75 23.86
N SER C 91 7.23 -20.59 25.10
CA SER C 91 7.56 -19.44 25.93
C SER C 91 9.07 -19.18 26.04
N LEU C 92 9.87 -20.23 25.86
CA LEU C 92 11.31 -20.12 26.03
C LEU C 92 12.05 -19.60 24.78
N PHE C 93 11.43 -19.69 23.61
CA PHE C 93 12.05 -19.15 22.40
C PHE C 93 11.04 -18.30 21.60
N PRO C 94 10.64 -17.16 22.17
CA PRO C 94 9.64 -16.29 21.54
C PRO C 94 10.20 -15.60 20.31
N ALA C 95 9.38 -15.36 19.30
CA ALA C 95 9.83 -14.56 18.16
C ALA C 95 10.04 -13.12 18.61
N ALA C 96 10.86 -12.39 17.87
CA ALA C 96 11.04 -10.97 18.13
C ALA C 96 10.52 -10.21 16.94
N ASN C 97 10.20 -8.94 17.15
CA ASN C 97 9.62 -8.12 16.11
C ASN C 97 10.44 -6.84 15.92
CL CL D . -7.10 16.94 -3.01
#